data_8R2W
#
_entry.id   8R2W
#
_cell.length_a   177.362
_cell.length_b   54.118
_cell.length_c   69.486
_cell.angle_alpha   90.000
_cell.angle_beta   108.385
_cell.angle_gamma   90.000
#
_symmetry.space_group_name_H-M   'C 1 2 1'
#
loop_
_entity.id
_entity.type
_entity.pdbx_description
1 polymer 'Hydroxyquinol 1,2-dioxygenase'
2 non-polymer PHOSPHATIDYLETHANOLAMINE
3 non-polymer 'FE (III) ION'
4 non-polymer 2-AMINO-2-HYDROXYMETHYL-PROPANE-1,3-DIOL
5 water water
#
_entity_poly.entity_id   1
_entity_poly.type   'polypeptide(L)'
_entity_poly.pdbx_seq_one_letter_code
;MADEVPQQALPNGIPPPPFKLPYPESADVITANMLKLTDLTPDDRKRFLLKNLVTHLHQFVRETSLTTQEWEETIFFLTA
TGQKCTPLRQEFILLSDVLGVSALVDAINNPPVHGGTESSVLGPFYTDDSPDLQNGDSIASEDKGDYMYVEGRVLSTDGT
PVPNATIETWETDGHGFYDTQYAVRDKPDCRGRVHADKDGHFGYRAVVPVAYPIPGDGPVGNLLLATGRHNMRPNHLHMM
VEAPGFRKLTSAWYPEGDEWLESDAVFGVKKSLVVGLSEVRDEAEARKRGFPKGGSFKLLHRDIILVPEEQSKQAFEQNA
KAAAKSAQAAENLYFQGHHHHHHHHHH
;
_entity_poly.pdbx_strand_id   A,B
#
loop_
_chem_comp.id
_chem_comp.type
_chem_comp.name
_chem_comp.formula
FE non-polymer 'FE (III) ION' 'Fe 3'
PTY non-polymer PHOSPHATIDYLETHANOLAMINE 'C40 H80 N O8 P'
TRS non-polymer 2-AMINO-2-HYDROXYMETHYL-PROPANE-1,3-DIOL 'C4 H12 N O3 1'
#
# COMPACT_ATOMS: atom_id res chain seq x y z
N LYS A 20 -24.54 2.61 21.36
CA LYS A 20 -24.04 3.49 20.26
C LYS A 20 -24.52 2.90 18.93
N LEU A 21 -23.64 2.24 18.15
CA LEU A 21 -23.88 2.11 16.71
C LEU A 21 -24.57 0.76 16.38
N PRO A 22 -25.44 0.77 15.35
CA PRO A 22 -26.14 -0.45 14.94
C PRO A 22 -25.14 -1.47 14.40
N TYR A 23 -25.54 -2.74 14.41
CA TYR A 23 -24.69 -3.76 13.83
C TYR A 23 -24.52 -3.47 12.35
N PRO A 24 -23.29 -3.67 11.81
CA PRO A 24 -22.99 -3.38 10.41
C PRO A 24 -23.59 -4.44 9.48
N GLU A 25 -24.92 -4.40 9.36
CA GLU A 25 -25.69 -5.43 8.66
C GLU A 25 -25.70 -5.23 7.14
N SER A 26 -25.48 -4.00 6.68
CA SER A 26 -25.60 -3.65 5.27
C SER A 26 -24.47 -2.70 4.90
N ALA A 27 -24.29 -2.49 3.60
CA ALA A 27 -23.25 -1.62 3.09
C ALA A 27 -23.46 -0.19 3.57
N ASP A 28 -24.73 0.29 3.53
CA ASP A 28 -25.04 1.62 3.97
C ASP A 28 -24.64 1.82 5.42
N VAL A 29 -24.97 0.86 6.29
CA VAL A 29 -24.66 0.98 7.72
C VAL A 29 -23.14 0.92 7.95
N ILE A 30 -22.41 0.08 7.21
CA ILE A 30 -20.95 -0.01 7.38
C ILE A 30 -20.33 1.37 7.14
N THR A 31 -20.71 1.99 6.02
CA THR A 31 -20.20 3.32 5.67
C THR A 31 -20.62 4.36 6.70
N ALA A 32 -21.89 4.37 7.09
CA ALA A 32 -22.35 5.36 8.05
C ALA A 32 -21.63 5.21 9.39
N ASN A 33 -21.44 3.96 9.84
CA ASN A 33 -20.73 3.71 11.07
C ASN A 33 -19.27 4.19 11.00
N MET A 34 -18.56 3.83 9.94
CA MET A 34 -17.17 4.26 9.80
C MET A 34 -17.07 5.79 9.75
N LEU A 35 -17.99 6.43 9.03
CA LEU A 35 -17.94 7.88 8.95
C LEU A 35 -18.21 8.46 10.33
N LYS A 36 -19.18 7.89 11.07
CA LYS A 36 -19.44 8.39 12.42
C LYS A 36 -18.18 8.28 13.29
N LEU A 37 -17.44 7.17 13.16
CA LEU A 37 -16.27 6.96 14.00
C LEU A 37 -15.14 7.95 13.70
N THR A 38 -15.14 8.59 12.53
CA THR A 38 -14.13 9.60 12.21
C THR A 38 -14.16 10.72 13.24
N ASP A 39 -15.34 10.97 13.85
CA ASP A 39 -15.48 11.99 14.87
C ASP A 39 -14.46 11.83 16.00
N LEU A 40 -13.97 10.61 16.23
CA LEU A 40 -13.09 10.37 17.37
C LEU A 40 -11.65 10.80 17.11
N THR A 41 -11.31 11.15 15.88
CA THR A 41 -9.96 11.56 15.53
C THR A 41 -9.67 12.93 16.13
N PRO A 42 -8.69 13.07 17.05
CA PRO A 42 -8.55 14.36 17.73
C PRO A 42 -8.03 15.51 16.87
N ASP A 43 -7.02 15.26 16.03
CA ASP A 43 -6.41 16.29 15.21
C ASP A 43 -7.38 16.72 14.10
N ASP A 44 -7.66 18.06 14.01
CA ASP A 44 -8.63 18.51 13.03
C ASP A 44 -8.26 18.11 11.61
N ARG A 45 -7.00 18.30 11.20
CA ARG A 45 -6.58 18.03 9.84
C ARG A 45 -6.67 16.52 9.57
N LYS A 46 -6.20 15.69 10.51
CA LYS A 46 -6.22 14.24 10.28
C LYS A 46 -7.67 13.74 10.18
N ARG A 47 -8.56 14.32 10.97
CA ARG A 47 -9.96 13.96 10.96
C ARG A 47 -10.54 14.25 9.56
N PHE A 48 -10.28 15.46 9.04
CA PHE A 48 -10.71 15.82 7.70
C PHE A 48 -10.16 14.87 6.63
N LEU A 49 -8.86 14.56 6.69
CA LEU A 49 -8.26 13.62 5.77
C LEU A 49 -8.92 12.25 5.85
N LEU A 50 -9.17 11.77 7.06
CA LEU A 50 -9.79 10.48 7.25
C LEU A 50 -11.24 10.46 6.71
N LYS A 51 -12.03 11.47 7.03
CA LYS A 51 -13.40 11.59 6.50
C LYS A 51 -13.35 11.46 4.97
N ASN A 52 -12.48 12.21 4.30
CA ASN A 52 -12.38 12.23 2.85
C ASN A 52 -11.93 10.85 2.36
N LEU A 53 -10.95 10.26 3.06
CA LEU A 53 -10.43 8.96 2.65
C LEU A 53 -11.55 7.92 2.68
N VAL A 54 -12.26 7.83 3.80
CA VAL A 54 -13.34 6.84 3.93
C VAL A 54 -14.38 7.07 2.83
N THR A 55 -14.76 8.32 2.63
CA THR A 55 -15.80 8.65 1.68
C THR A 55 -15.41 8.11 0.31
N HIS A 56 -14.18 8.40 -0.13
CA HIS A 56 -13.73 7.97 -1.43
C HIS A 56 -13.50 6.46 -1.50
N LEU A 57 -12.88 5.83 -0.49
CA LEU A 57 -12.66 4.39 -0.51
C LEU A 57 -14.00 3.66 -0.66
N HIS A 58 -14.98 4.04 0.15
CA HIS A 58 -16.26 3.36 0.17
C HIS A 58 -16.99 3.63 -1.14
N GLN A 59 -16.93 4.85 -1.66
CA GLN A 59 -17.60 5.13 -2.94
C GLN A 59 -16.98 4.29 -4.06
N PHE A 60 -15.65 4.21 -4.11
CA PHE A 60 -14.97 3.42 -5.11
C PHE A 60 -15.45 1.97 -5.06
N VAL A 61 -15.50 1.38 -3.88
CA VAL A 61 -15.91 -0.02 -3.76
C VAL A 61 -17.36 -0.19 -4.20
N ARG A 62 -18.25 0.72 -3.79
CA ARG A 62 -19.66 0.60 -4.17
C ARG A 62 -19.87 0.83 -5.67
N GLU A 63 -19.23 1.86 -6.25
CA GLU A 63 -19.39 2.21 -7.65
C GLU A 63 -18.88 1.08 -8.56
N THR A 64 -17.80 0.42 -8.15
CA THR A 64 -17.20 -0.61 -8.97
C THR A 64 -17.74 -2.01 -8.66
N SER A 65 -18.49 -2.19 -7.55
CA SER A 65 -18.85 -3.51 -7.09
C SER A 65 -17.63 -4.44 -7.06
N LEU A 66 -16.55 -3.93 -6.44
CA LEU A 66 -15.29 -4.68 -6.36
C LEU A 66 -15.55 -6.09 -5.85
N THR A 67 -15.02 -7.07 -6.59
CA THR A 67 -15.21 -8.47 -6.24
C THR A 67 -14.23 -8.91 -5.14
N THR A 68 -14.58 -10.04 -4.54
CA THR A 68 -13.70 -10.63 -3.54
C THR A 68 -12.31 -10.86 -4.13
N GLN A 69 -12.26 -11.44 -5.34
CA GLN A 69 -10.99 -11.75 -5.98
C GLN A 69 -10.21 -10.47 -6.30
N GLU A 70 -10.88 -9.41 -6.77
CA GLU A 70 -10.22 -8.14 -7.06
C GLU A 70 -9.67 -7.54 -5.77
N TRP A 71 -10.38 -7.65 -4.66
CA TRP A 71 -9.89 -7.20 -3.36
C TRP A 71 -8.62 -7.97 -2.98
N GLU A 72 -8.67 -9.33 -3.08
CA GLU A 72 -7.51 -10.14 -2.77
C GLU A 72 -6.29 -9.69 -3.60
N GLU A 73 -6.53 -9.46 -4.89
CA GLU A 73 -5.46 -9.14 -5.82
C GLU A 73 -4.86 -7.79 -5.45
N THR A 74 -5.69 -6.89 -4.94
CA THR A 74 -5.27 -5.55 -4.56
C THR A 74 -4.43 -5.61 -3.29
N ILE A 75 -4.87 -6.44 -2.34
CA ILE A 75 -4.08 -6.68 -1.13
C ILE A 75 -2.69 -7.23 -1.51
N PHE A 76 -2.65 -8.22 -2.39
CA PHE A 76 -1.40 -8.81 -2.82
C PHE A 76 -0.50 -7.76 -3.46
N PHE A 77 -1.07 -6.95 -4.36
CA PHE A 77 -0.29 -5.96 -5.09
C PHE A 77 0.30 -4.93 -4.12
N LEU A 78 -0.50 -4.42 -3.20
CA LEU A 78 -0.02 -3.40 -2.29
C LEU A 78 1.05 -3.99 -1.37
N THR A 79 0.85 -5.23 -0.91
CA THR A 79 1.83 -5.90 -0.08
C THR A 79 3.17 -6.03 -0.81
N ALA A 80 3.10 -6.52 -2.06
CA ALA A 80 4.29 -6.68 -2.87
C ALA A 80 5.00 -5.34 -3.11
N THR A 81 4.21 -4.29 -3.30
CA THR A 81 4.76 -2.96 -3.53
C THR A 81 5.58 -2.54 -2.30
N GLY A 82 5.00 -2.66 -1.09
CA GLY A 82 5.74 -2.29 0.11
C GLY A 82 6.98 -3.15 0.29
N GLN A 83 6.88 -4.45 0.03
CA GLN A 83 8.00 -5.37 0.21
C GLN A 83 9.12 -5.14 -0.82
N LYS A 84 8.81 -4.51 -1.94
CA LYS A 84 9.81 -4.19 -2.95
C LYS A 84 10.65 -2.99 -2.53
N CYS A 85 10.16 -2.18 -1.60
CA CYS A 85 10.82 -0.95 -1.20
C CYS A 85 12.07 -1.25 -0.37
N THR A 86 13.14 -0.48 -0.64
CA THR A 86 14.37 -0.51 0.14
C THR A 86 14.81 0.92 0.40
N PRO A 87 15.88 1.16 1.21
CA PRO A 87 16.36 2.53 1.44
C PRO A 87 16.75 3.28 0.17
N LEU A 88 16.97 2.51 -0.91
CA LEU A 88 17.43 3.06 -2.17
C LEU A 88 16.43 2.96 -3.32
N ARG A 89 15.25 2.35 -3.12
CA ARG A 89 14.27 2.23 -4.19
C ARG A 89 12.88 2.26 -3.58
N GLN A 90 12.12 3.29 -3.94
CA GLN A 90 10.83 3.51 -3.31
C GLN A 90 9.74 3.14 -4.33
N GLU A 91 9.26 1.89 -4.25
CA GLU A 91 8.28 1.38 -5.20
C GLU A 91 6.92 2.04 -4.96
N PHE A 92 6.61 2.45 -3.71
CA PHE A 92 5.37 3.19 -3.47
C PHE A 92 5.43 4.61 -4.08
N ILE A 93 6.60 5.27 -4.03
CA ILE A 93 6.71 6.52 -4.79
C ILE A 93 6.49 6.27 -6.27
N LEU A 94 7.12 5.23 -6.82
CA LEU A 94 6.97 4.95 -8.22
C LEU A 94 5.50 4.71 -8.59
N LEU A 95 4.77 3.97 -7.74
CA LEU A 95 3.35 3.76 -7.96
C LEU A 95 2.58 5.09 -8.00
N SER A 96 2.81 5.93 -7.01
CA SER A 96 2.25 7.29 -6.98
C SER A 96 2.58 8.05 -8.25
N ASP A 97 3.83 7.87 -8.70
CA ASP A 97 4.32 8.60 -9.85
C ASP A 97 3.55 8.22 -11.12
N VAL A 98 3.46 6.92 -11.42
CA VAL A 98 2.88 6.46 -12.68
C VAL A 98 1.37 6.67 -12.72
N LEU A 99 0.72 6.88 -11.56
CA LEU A 99 -0.72 7.17 -11.53
C LEU A 99 -1.00 8.66 -11.50
N GLY A 100 0.02 9.51 -11.61
CA GLY A 100 -0.17 10.95 -11.66
C GLY A 100 -0.38 11.62 -10.31
N VAL A 101 -0.36 10.85 -9.21
CA VAL A 101 -0.58 11.40 -7.91
C VAL A 101 0.59 12.31 -7.54
N SER A 102 1.80 11.87 -7.84
CA SER A 102 2.98 12.63 -7.43
C SER A 102 3.01 14.00 -8.11
N ALA A 103 2.74 14.03 -9.41
CA ALA A 103 2.68 15.28 -10.15
C ALA A 103 1.52 16.14 -9.67
N LEU A 104 0.37 15.56 -9.31
CA LEU A 104 -0.76 16.34 -8.84
C LEU A 104 -0.40 17.01 -7.50
N VAL A 105 0.17 16.24 -6.55
CA VAL A 105 0.57 16.79 -5.26
C VAL A 105 1.56 17.95 -5.50
N ASP A 106 2.51 17.75 -6.42
CA ASP A 106 3.52 18.74 -6.72
C ASP A 106 2.88 20.03 -7.24
N ALA A 107 1.88 19.91 -8.11
CA ALA A 107 1.26 21.09 -8.72
C ALA A 107 0.47 21.90 -7.68
N ILE A 108 -0.20 21.20 -6.76
CA ILE A 108 -0.99 21.84 -5.73
C ILE A 108 -0.11 22.55 -4.73
N ASN A 109 1.01 21.95 -4.40
CA ASN A 109 1.84 22.38 -3.28
C ASN A 109 2.89 23.40 -3.70
N ASN A 110 3.32 23.40 -4.97
CA ASN A 110 4.41 24.24 -5.46
C ASN A 110 3.95 24.99 -6.71
N PRO A 111 2.93 25.86 -6.62
CA PRO A 111 2.44 26.57 -7.79
C PRO A 111 3.51 27.52 -8.32
N PRO A 112 3.66 27.64 -9.64
CA PRO A 112 4.66 28.56 -10.21
C PRO A 112 4.26 29.99 -9.81
N VAL A 113 4.67 30.38 -8.60
CA VAL A 113 3.98 31.41 -7.85
C VAL A 113 4.82 32.68 -7.88
N HIS A 114 6.13 32.53 -7.62
CA HIS A 114 7.06 33.64 -7.70
C HIS A 114 7.96 33.31 -8.88
N GLY A 115 8.98 34.14 -9.16
CA GLY A 115 9.88 33.89 -10.28
C GLY A 115 10.81 32.70 -10.05
N GLY A 116 10.40 31.75 -9.21
CA GLY A 116 11.33 30.71 -8.76
C GLY A 116 11.39 29.60 -9.80
N THR A 117 12.53 28.89 -9.84
CA THR A 117 12.62 27.69 -10.64
C THR A 117 11.44 26.78 -10.31
N GLU A 118 10.86 26.18 -11.35
CA GLU A 118 9.71 25.31 -11.15
C GLU A 118 10.09 23.98 -10.53
N SER A 119 9.07 23.38 -9.89
CA SER A 119 9.14 22.13 -9.16
C SER A 119 8.94 20.95 -10.10
N SER A 120 9.41 19.76 -9.73
CA SER A 120 9.17 18.54 -10.48
C SER A 120 9.23 17.37 -9.50
N VAL A 121 8.82 16.21 -9.96
CA VAL A 121 8.68 15.07 -9.07
C VAL A 121 10.05 14.52 -8.66
N LEU A 122 10.04 14.01 -7.43
CA LEU A 122 11.22 13.44 -6.80
C LEU A 122 11.60 12.13 -7.48
N GLY A 123 10.61 11.26 -7.65
CA GLY A 123 10.84 9.91 -8.13
C GLY A 123 11.38 8.99 -7.05
N PRO A 124 11.59 7.70 -7.40
CA PRO A 124 11.88 6.64 -6.44
C PRO A 124 13.33 6.41 -6.04
N PHE A 125 14.27 7.19 -6.61
CA PHE A 125 15.67 6.81 -6.50
C PHE A 125 16.53 7.83 -5.76
N TYR A 126 15.89 8.72 -4.99
CA TYR A 126 16.58 9.64 -4.10
C TYR A 126 17.12 8.88 -2.89
N THR A 127 18.36 9.21 -2.48
CA THR A 127 18.84 8.80 -1.17
C THR A 127 19.66 9.91 -0.54
N ASP A 128 19.76 9.97 0.81
CA ASP A 128 20.68 10.93 1.43
C ASP A 128 22.07 10.30 1.63
N ASP A 129 22.27 9.06 1.15
CA ASP A 129 23.57 8.43 1.11
C ASP A 129 24.15 8.74 -0.25
N SER A 130 24.55 10.01 -0.39
CA SER A 130 25.29 10.53 -1.52
C SER A 130 26.48 11.32 -1.00
N PRO A 131 27.63 11.33 -1.73
CA PRO A 131 28.81 12.00 -1.21
C PRO A 131 28.66 13.52 -1.18
N ASP A 132 29.22 14.14 -0.13
CA ASP A 132 29.41 15.58 -0.11
C ASP A 132 30.54 15.95 -1.07
N LEU A 133 30.31 16.98 -1.89
CA LEU A 133 31.26 17.40 -2.92
C LEU A 133 31.39 18.92 -2.91
N GLN A 134 32.58 19.37 -3.30
CA GLN A 134 32.80 20.77 -3.62
C GLN A 134 32.71 20.97 -5.13
N ASN A 135 32.63 22.25 -5.52
CA ASN A 135 32.60 22.62 -6.92
C ASN A 135 33.80 22.04 -7.65
N GLY A 136 33.55 21.49 -8.85
CA GLY A 136 34.59 20.93 -9.70
C GLY A 136 34.76 19.43 -9.54
N ASP A 137 34.14 18.88 -8.49
CA ASP A 137 34.16 17.45 -8.26
CA ASP A 137 34.18 17.44 -8.27
C ASP A 137 33.17 16.79 -9.21
N SER A 138 33.19 15.45 -9.24
CA SER A 138 32.28 14.70 -10.09
C SER A 138 31.30 13.87 -9.28
N ILE A 139 30.04 13.80 -9.73
CA ILE A 139 29.09 12.90 -9.14
C ILE A 139 29.21 11.49 -9.75
N ALA A 140 29.98 11.36 -10.85
CA ALA A 140 30.05 10.13 -11.62
C ALA A 140 31.48 9.60 -11.66
N SER A 141 31.65 8.30 -11.41
CA SER A 141 32.95 7.67 -11.65
C SER A 141 33.23 7.65 -13.16
N GLU A 142 34.45 7.25 -13.51
CA GLU A 142 34.84 7.19 -14.89
C GLU A 142 34.15 6.03 -15.60
N ASP A 143 34.06 6.15 -16.92
CA ASP A 143 33.47 5.14 -17.80
C ASP A 143 31.98 4.93 -17.46
N LYS A 144 31.26 6.03 -17.24
CA LYS A 144 29.88 5.95 -16.82
C LYS A 144 28.96 6.71 -17.78
N GLY A 145 29.51 7.21 -18.87
CA GLY A 145 28.72 7.96 -19.84
C GLY A 145 29.50 9.13 -20.42
N ASP A 146 28.88 9.84 -21.35
CA ASP A 146 29.47 11.02 -21.94
C ASP A 146 29.58 12.12 -20.90
N TYR A 147 30.71 12.80 -20.87
CA TYR A 147 30.94 13.82 -19.88
C TYR A 147 29.94 14.96 -20.04
N MET A 148 29.47 15.44 -18.89
CA MET A 148 28.61 16.61 -18.78
C MET A 148 29.12 17.45 -17.61
N TYR A 149 29.10 18.78 -17.81
CA TYR A 149 29.44 19.71 -16.74
C TYR A 149 28.15 20.48 -16.46
N VAL A 150 27.79 20.54 -15.17
CA VAL A 150 26.55 21.20 -14.76
C VAL A 150 26.92 22.42 -13.92
N GLU A 151 26.39 23.60 -14.27
CA GLU A 151 26.79 24.77 -13.50
C GLU A 151 25.67 25.81 -13.51
N GLY A 152 25.82 26.77 -12.62
CA GLY A 152 24.85 27.83 -12.49
C GLY A 152 25.09 28.57 -11.18
N ARG A 153 24.17 29.47 -10.88
CA ARG A 153 24.19 30.16 -9.59
C ARG A 153 22.87 29.87 -8.89
N VAL A 154 22.93 29.72 -7.57
CA VAL A 154 21.73 29.69 -6.76
C VAL A 154 21.44 31.14 -6.33
N LEU A 155 20.26 31.60 -6.73
CA LEU A 155 19.88 32.99 -6.57
C LEU A 155 18.53 33.07 -5.88
N SER A 156 18.33 34.18 -5.16
CA SER A 156 17.01 34.57 -4.70
C SER A 156 16.19 35.10 -5.90
N THR A 157 14.88 35.07 -5.78
CA THR A 157 13.98 35.79 -6.69
C THR A 157 14.30 37.28 -6.75
N ASP A 158 15.04 37.86 -5.80
CA ASP A 158 15.40 39.27 -5.86
C ASP A 158 16.72 39.44 -6.60
N GLY A 159 17.32 38.30 -7.05
CA GLY A 159 18.55 38.33 -7.83
C GLY A 159 19.85 38.20 -7.02
N THR A 160 19.74 38.26 -5.68
CA THR A 160 20.87 38.20 -4.77
C THR A 160 21.37 36.77 -4.65
N PRO A 161 22.70 36.54 -4.56
CA PRO A 161 23.22 35.19 -4.38
C PRO A 161 22.76 34.56 -3.07
N VAL A 162 22.56 33.24 -3.09
CA VAL A 162 22.15 32.45 -1.93
C VAL A 162 23.35 31.70 -1.40
N PRO A 163 23.85 32.06 -0.19
CA PRO A 163 24.94 31.33 0.45
C PRO A 163 24.43 30.08 1.19
N ASN A 164 25.35 29.16 1.45
CA ASN A 164 25.08 27.92 2.18
C ASN A 164 24.06 27.05 1.46
N ALA A 165 24.05 27.12 0.12
CA ALA A 165 23.13 26.28 -0.65
C ALA A 165 23.77 24.92 -0.91
N THR A 166 22.95 23.88 -0.81
CA THR A 166 23.39 22.55 -1.21
C THR A 166 22.46 22.01 -2.30
N ILE A 167 23.09 21.34 -3.28
CA ILE A 167 22.39 20.74 -4.41
C ILE A 167 22.57 19.24 -4.32
N GLU A 168 21.46 18.58 -3.97
CA GLU A 168 21.39 17.15 -4.09
C GLU A 168 21.01 16.83 -5.52
N THR A 169 21.86 16.03 -6.18
CA THR A 169 21.67 15.78 -7.60
C THR A 169 21.90 14.30 -7.85
N TRP A 170 21.14 13.73 -8.77
CA TRP A 170 21.24 12.30 -9.07
C TRP A 170 20.67 12.05 -10.46
N GLU A 171 21.14 10.97 -11.09
CA GLU A 171 20.80 10.66 -12.45
C GLU A 171 21.09 9.18 -12.72
N THR A 172 20.47 8.71 -13.79
CA THR A 172 20.89 7.51 -14.47
C THR A 172 22.33 7.70 -14.93
N ASP A 173 23.13 6.62 -14.96
CA ASP A 173 24.36 6.66 -15.74
C ASP A 173 24.00 6.67 -17.24
N GLY A 174 25.04 6.84 -18.06
CA GLY A 174 24.91 6.85 -19.51
C GLY A 174 24.48 5.50 -20.08
N HIS A 175 24.43 4.48 -19.23
CA HIS A 175 24.11 3.11 -19.63
C HIS A 175 22.63 2.80 -19.35
N GLY A 176 21.87 3.75 -18.76
CA GLY A 176 20.44 3.57 -18.51
C GLY A 176 20.06 3.06 -17.12
N PHE A 177 21.01 3.03 -16.16
CA PHE A 177 20.71 2.51 -14.85
C PHE A 177 21.12 3.51 -13.74
N TYR A 178 20.24 3.63 -12.73
CA TYR A 178 20.63 4.20 -11.44
C TYR A 178 21.52 3.23 -10.68
N ASP A 179 22.43 3.80 -9.85
CA ASP A 179 23.43 3.00 -9.14
C ASP A 179 22.81 1.86 -8.35
N THR A 180 21.59 2.05 -7.84
CA THR A 180 20.99 1.04 -6.98
C THR A 180 20.42 -0.13 -7.77
N GLN A 181 20.42 -0.03 -9.10
CA GLN A 181 19.85 -1.10 -9.92
C GLN A 181 20.92 -2.14 -10.30
N TYR A 182 22.19 -1.85 -10.02
CA TYR A 182 23.27 -2.82 -10.18
C TYR A 182 23.39 -3.71 -8.93
N ALA A 183 23.98 -4.89 -9.10
CA ALA A 183 23.97 -5.85 -8.00
C ALA A 183 24.94 -5.43 -6.90
N VAL A 184 26.03 -4.77 -7.26
CA VAL A 184 27.04 -4.33 -6.32
C VAL A 184 26.93 -2.81 -6.21
N ARG A 185 26.68 -2.33 -4.99
CA ARG A 185 26.84 -0.91 -4.73
C ARG A 185 27.74 -0.71 -3.50
N ASP A 186 29.06 -0.68 -3.72
CA ASP A 186 30.00 -0.52 -2.60
C ASP A 186 30.05 0.95 -2.18
N LYS A 187 29.75 1.86 -3.11
CA LYS A 187 29.65 3.29 -2.84
C LYS A 187 28.54 3.82 -3.73
N PRO A 188 27.95 4.99 -3.44
CA PRO A 188 27.02 5.62 -4.38
C PRO A 188 27.72 5.95 -5.70
N ASP A 189 26.92 6.09 -6.78
CA ASP A 189 27.44 6.61 -8.03
C ASP A 189 26.34 7.39 -8.77
N CYS A 190 26.81 8.37 -9.57
CA CYS A 190 25.96 9.26 -10.35
C CYS A 190 24.98 9.99 -9.43
N ARG A 191 25.51 10.38 -8.26
CA ARG A 191 24.78 11.22 -7.32
C ARG A 191 25.76 11.89 -6.38
N GLY A 192 25.31 13.02 -5.84
CA GLY A 192 26.11 13.73 -4.87
C GLY A 192 25.36 14.92 -4.27
N ARG A 193 25.98 15.50 -3.26
CA ARG A 193 25.50 16.69 -2.57
C ARG A 193 26.55 17.78 -2.73
N VAL A 194 26.26 18.70 -3.65
CA VAL A 194 27.26 19.68 -4.03
C VAL A 194 27.05 20.93 -3.20
N HIS A 195 28.14 21.43 -2.62
CA HIS A 195 28.06 22.62 -1.76
C HIS A 195 28.42 23.84 -2.61
N ALA A 196 27.44 24.73 -2.82
CA ALA A 196 27.71 25.92 -3.63
C ALA A 196 28.59 26.90 -2.85
N ASP A 197 29.24 27.81 -3.58
CA ASP A 197 30.20 28.72 -2.95
C ASP A 197 29.45 29.91 -2.36
N LYS A 198 30.19 30.83 -1.72
CA LYS A 198 29.60 31.94 -0.98
C LYS A 198 28.87 32.89 -1.93
N ASP A 199 29.23 32.86 -3.23
CA ASP A 199 28.58 33.68 -4.24
C ASP A 199 27.46 32.92 -4.95
N GLY A 200 27.07 31.74 -4.42
CA GLY A 200 25.96 30.97 -4.96
C GLY A 200 26.33 30.08 -6.14
N HIS A 201 27.59 30.10 -6.60
CA HIS A 201 28.00 29.39 -7.79
C HIS A 201 28.15 27.91 -7.46
N PHE A 202 27.62 27.07 -8.35
CA PHE A 202 27.83 25.65 -8.31
C PHE A 202 28.32 25.17 -9.66
N GLY A 203 29.16 24.14 -9.61
CA GLY A 203 29.71 23.56 -10.82
C GLY A 203 30.21 22.16 -10.53
N TYR A 204 29.82 21.19 -11.34
CA TYR A 204 30.25 19.84 -11.07
C TYR A 204 30.26 19.02 -12.35
N ARG A 205 31.09 17.99 -12.33
CA ARG A 205 31.13 16.98 -13.40
C ARG A 205 30.06 15.92 -13.17
N ALA A 206 29.58 15.37 -14.27
CA ALA A 206 28.51 14.38 -14.28
C ALA A 206 28.58 13.64 -15.61
N VAL A 207 27.53 12.91 -15.95
CA VAL A 207 27.42 12.33 -17.29
C VAL A 207 26.10 12.74 -17.90
N VAL A 208 26.02 12.68 -19.24
CA VAL A 208 24.79 12.99 -19.93
C VAL A 208 23.78 11.89 -19.59
N PRO A 209 22.62 12.22 -19.01
CA PRO A 209 21.65 11.19 -18.68
C PRO A 209 20.95 10.76 -19.97
N VAL A 210 20.42 9.54 -19.95
CA VAL A 210 19.79 8.95 -21.11
C VAL A 210 18.32 8.75 -20.82
N ALA A 211 17.54 8.54 -21.89
CA ALA A 211 16.14 8.18 -21.70
C ALA A 211 16.09 6.96 -20.81
N TYR A 212 15.13 6.99 -19.88
CA TYR A 212 15.22 6.14 -18.71
C TYR A 212 14.01 5.21 -18.68
N PRO A 213 14.22 3.89 -18.80
CA PRO A 213 13.15 2.92 -18.64
C PRO A 213 12.93 2.60 -17.16
N ILE A 214 11.71 2.85 -16.68
CA ILE A 214 11.34 2.59 -15.30
C ILE A 214 11.49 1.10 -15.05
N PRO A 215 12.01 0.73 -13.87
CA PRO A 215 12.26 -0.67 -13.55
C PRO A 215 10.98 -1.48 -13.64
N GLY A 216 11.05 -2.59 -14.38
CA GLY A 216 9.91 -3.41 -14.71
C GLY A 216 9.85 -4.69 -13.89
N ASP A 217 10.75 -4.82 -12.91
CA ASP A 217 10.87 -6.08 -12.15
C ASP A 217 10.08 -6.06 -10.85
N GLY A 218 9.22 -5.06 -10.64
CA GLY A 218 8.37 -5.05 -9.47
C GLY A 218 6.92 -4.82 -9.86
N PRO A 219 6.05 -4.62 -8.86
CA PRO A 219 4.62 -4.47 -9.10
C PRO A 219 4.30 -3.35 -10.07
N VAL A 220 5.04 -2.25 -10.03
CA VAL A 220 4.70 -1.14 -10.92
C VAL A 220 4.93 -1.56 -12.37
N GLY A 221 6.03 -2.28 -12.67
CA GLY A 221 6.24 -2.78 -14.01
C GLY A 221 5.07 -3.62 -14.52
N ASN A 222 4.53 -4.49 -13.64
CA ASN A 222 3.40 -5.34 -13.96
C ASN A 222 2.15 -4.50 -14.24
N LEU A 223 1.94 -3.46 -13.42
CA LEU A 223 0.82 -2.54 -13.60
C LEU A 223 0.89 -1.83 -14.96
N LEU A 224 2.09 -1.35 -15.33
CA LEU A 224 2.23 -0.67 -16.62
C LEU A 224 1.94 -1.62 -17.75
N LEU A 225 2.44 -2.88 -17.69
CA LEU A 225 2.16 -3.82 -18.75
C LEU A 225 0.65 -4.09 -18.86
N ALA A 226 -0.02 -4.27 -17.73
CA ALA A 226 -1.41 -4.66 -17.70
C ALA A 226 -2.31 -3.52 -18.19
N THR A 227 -1.78 -2.31 -18.14
CA THR A 227 -2.55 -1.13 -18.51
C THR A 227 -2.06 -0.52 -19.83
N GLY A 228 -1.28 -1.27 -20.63
CA GLY A 228 -0.96 -0.85 -21.97
C GLY A 228 -0.02 0.36 -22.04
N ARG A 229 0.70 0.65 -20.94
CA ARG A 229 1.50 1.85 -20.84
C ARG A 229 2.96 1.58 -21.23
N HIS A 230 3.64 2.57 -21.83
CA HIS A 230 5.10 2.48 -21.93
C HIS A 230 5.72 2.84 -20.59
N ASN A 231 7.01 2.51 -20.42
CA ASN A 231 7.67 2.74 -19.15
C ASN A 231 8.77 3.78 -19.19
N MET A 232 8.67 4.75 -20.12
CA MET A 232 9.82 5.61 -20.37
C MET A 232 9.67 6.97 -19.71
N ARG A 233 10.81 7.43 -19.18
CA ARG A 233 10.97 8.84 -18.86
C ARG A 233 11.99 9.43 -19.83
N PRO A 234 11.84 10.71 -20.19
CA PRO A 234 12.87 11.38 -20.95
C PRO A 234 14.10 11.49 -20.07
N ASN A 235 15.23 11.74 -20.76
CA ASN A 235 16.47 12.07 -20.09
C ASN A 235 16.27 13.18 -19.06
N HIS A 236 16.88 13.03 -17.87
CA HIS A 236 16.72 14.05 -16.83
C HIS A 236 17.81 13.94 -15.78
N LEU A 237 18.04 15.07 -15.12
CA LEU A 237 19.00 15.23 -14.02
C LEU A 237 18.22 15.81 -12.84
N HIS A 238 18.11 15.06 -11.73
CA HIS A 238 17.43 15.58 -10.55
C HIS A 238 18.22 16.67 -9.86
N MET A 239 17.52 17.69 -9.38
CA MET A 239 18.11 18.83 -8.69
C MET A 239 17.24 19.17 -7.49
N MET A 240 17.73 18.86 -6.30
CA MET A 240 17.04 19.20 -5.05
C MET A 240 17.88 20.12 -4.19
N VAL A 241 17.37 21.33 -3.92
CA VAL A 241 18.19 22.40 -3.43
C VAL A 241 17.57 22.92 -2.13
N GLU A 242 18.44 23.09 -1.13
CA GLU A 242 18.09 23.69 0.14
C GLU A 242 19.09 24.78 0.45
N ALA A 243 18.60 25.80 1.18
CA ALA A 243 19.49 26.79 1.74
C ALA A 243 18.77 27.43 2.93
N PRO A 244 19.53 27.80 3.97
CA PRO A 244 18.90 28.51 5.09
C PRO A 244 18.23 29.77 4.52
N GLY A 245 16.97 29.98 4.90
CA GLY A 245 16.29 31.23 4.59
C GLY A 245 15.42 31.10 3.34
N PHE A 246 15.51 29.92 2.69
CA PHE A 246 14.80 29.72 1.45
C PHE A 246 13.97 28.45 1.49
N ARG A 247 12.92 28.44 0.68
CA ARG A 247 12.06 27.29 0.54
C ARG A 247 12.79 26.19 -0.25
N LYS A 248 12.65 24.95 0.20
CA LYS A 248 13.26 23.80 -0.45
C LYS A 248 12.67 23.61 -1.84
N LEU A 249 13.53 23.36 -2.83
CA LEU A 249 13.11 23.05 -4.19
C LEU A 249 13.47 21.61 -4.51
N THR A 250 12.47 20.86 -4.95
CA THR A 250 12.67 19.56 -5.56
C THR A 250 12.36 19.69 -7.06
N SER A 251 13.35 19.42 -7.92
CA SER A 251 13.14 19.67 -9.36
C SER A 251 14.01 18.73 -10.20
N ALA A 252 14.03 18.99 -11.51
CA ALA A 252 14.87 18.23 -12.43
C ALA A 252 15.00 19.03 -13.71
N TRP A 253 16.13 18.86 -14.41
CA TRP A 253 16.33 19.43 -15.73
C TRP A 253 16.19 18.33 -16.76
N TYR A 254 15.57 18.67 -17.89
CA TYR A 254 15.22 17.72 -18.94
C TYR A 254 15.86 18.13 -20.26
N PRO A 255 17.01 17.54 -20.68
CA PRO A 255 17.61 17.98 -21.96
C PRO A 255 16.68 17.87 -23.15
N GLU A 256 16.64 18.95 -23.94
CA GLU A 256 15.80 19.03 -25.12
C GLU A 256 16.18 17.93 -26.10
N GLY A 257 15.20 17.59 -26.95
CA GLY A 257 15.46 16.75 -28.11
C GLY A 257 15.22 15.27 -27.85
N ASP A 258 14.78 14.93 -26.63
CA ASP A 258 14.45 13.56 -26.27
C ASP A 258 13.02 13.26 -26.73
N GLU A 259 12.82 12.11 -27.40
CA GLU A 259 11.52 11.77 -27.97
C GLU A 259 10.44 11.52 -26.90
N TRP A 260 10.84 11.33 -25.62
CA TRP A 260 9.89 11.02 -24.58
C TRP A 260 9.46 12.25 -23.78
N LEU A 261 9.93 13.45 -24.14
CA LEU A 261 9.57 14.64 -23.37
C LEU A 261 8.06 14.83 -23.30
N GLU A 262 7.35 14.55 -24.39
CA GLU A 262 5.91 14.75 -24.43
C GLU A 262 5.11 13.55 -23.93
N SER A 263 5.76 12.51 -23.39
CA SER A 263 5.01 11.37 -22.88
C SER A 263 5.71 10.74 -21.69
N ASP A 264 6.26 11.60 -20.83
CA ASP A 264 6.87 11.16 -19.59
C ASP A 264 5.88 10.28 -18.82
N ALA A 265 6.29 9.06 -18.47
CA ALA A 265 5.43 8.10 -17.79
C ALA A 265 4.97 8.58 -16.42
N VAL A 266 5.67 9.57 -15.81
CA VAL A 266 5.34 10.03 -14.47
C VAL A 266 4.99 11.51 -14.44
N PHE A 267 4.75 12.10 -15.61
CA PHE A 267 4.15 13.43 -15.69
C PHE A 267 5.02 14.48 -15.00
N GLY A 268 6.35 14.41 -15.15
CA GLY A 268 7.25 15.34 -14.46
C GLY A 268 7.72 16.52 -15.33
N VAL A 269 7.62 16.39 -16.65
CA VAL A 269 8.20 17.41 -17.54
C VAL A 269 7.38 18.69 -17.52
N LYS A 270 8.07 19.82 -17.38
CA LYS A 270 7.47 21.13 -17.54
C LYS A 270 8.32 21.90 -18.54
N LYS A 271 7.65 22.75 -19.33
CA LYS A 271 8.38 23.42 -20.39
C LYS A 271 9.59 24.21 -19.85
N SER A 272 9.41 24.88 -18.71
CA SER A 272 10.49 25.74 -18.17
C SER A 272 11.70 24.96 -17.67
N LEU A 273 11.57 23.63 -17.51
CA LEU A 273 12.66 22.78 -17.02
C LEU A 273 13.37 22.02 -18.15
N VAL A 274 12.97 22.26 -19.40
CA VAL A 274 13.67 21.73 -20.55
C VAL A 274 14.92 22.60 -20.76
N VAL A 275 16.09 21.97 -20.96
CA VAL A 275 17.34 22.70 -21.01
C VAL A 275 18.10 22.33 -22.30
N GLY A 276 18.95 23.26 -22.75
CA GLY A 276 19.87 22.96 -23.83
C GLY A 276 21.14 22.35 -23.25
N LEU A 277 21.80 21.52 -24.07
CA LEU A 277 23.17 21.14 -23.76
C LEU A 277 24.06 21.59 -24.93
N SER A 278 25.18 22.24 -24.60
CA SER A 278 26.14 22.71 -25.57
C SER A 278 27.39 21.83 -25.53
N GLU A 279 27.87 21.39 -26.69
CA GLU A 279 29.06 20.55 -26.73
C GLU A 279 30.30 21.43 -26.85
N VAL A 280 31.28 21.19 -25.97
CA VAL A 280 32.59 21.83 -26.04
C VAL A 280 33.64 20.78 -26.34
N ARG A 281 34.33 20.96 -27.48
CA ARG A 281 35.36 20.02 -27.90
C ARG A 281 36.67 20.80 -27.84
N ASP A 282 37.22 20.85 -26.63
CA ASP A 282 38.42 21.61 -26.32
C ASP A 282 39.10 20.88 -25.19
N GLU A 283 40.20 20.18 -25.51
CA GLU A 283 40.83 19.30 -24.54
C GLU A 283 41.38 20.12 -23.36
N ALA A 284 41.90 21.32 -23.64
CA ALA A 284 42.44 22.19 -22.60
C ALA A 284 41.35 22.60 -21.61
N GLU A 285 40.16 22.94 -22.13
CA GLU A 285 39.03 23.32 -21.29
C GLU A 285 38.54 22.11 -20.49
N ALA A 286 38.46 20.94 -21.14
CA ALA A 286 38.00 19.74 -20.45
C ALA A 286 38.90 19.44 -19.26
N ARG A 287 40.23 19.55 -19.47
CA ARG A 287 41.18 19.26 -18.40
C ARG A 287 41.09 20.31 -17.29
N LYS A 288 40.87 21.59 -17.64
CA LYS A 288 40.74 22.64 -16.66
C LYS A 288 39.58 22.35 -15.69
N ARG A 289 38.50 21.79 -16.24
CA ARG A 289 37.31 21.50 -15.46
C ARG A 289 37.43 20.20 -14.68
N GLY A 290 38.52 19.46 -14.89
CA GLY A 290 38.79 18.29 -14.07
C GLY A 290 38.45 16.97 -14.73
N PHE A 291 38.00 16.98 -15.99
CA PHE A 291 37.70 15.76 -16.71
C PHE A 291 39.02 15.02 -16.98
N PRO A 292 39.23 13.82 -16.41
CA PRO A 292 40.54 13.15 -16.53
C PRO A 292 40.89 12.64 -17.92
N LYS A 293 39.91 12.22 -18.72
CA LYS A 293 40.20 11.66 -20.05
C LYS A 293 40.06 12.74 -21.10
N GLY A 294 39.92 14.00 -20.65
CA GLY A 294 39.95 15.15 -21.54
C GLY A 294 38.91 15.03 -22.65
N GLY A 295 39.28 15.51 -23.84
CA GLY A 295 38.48 15.46 -25.05
C GLY A 295 37.42 16.57 -25.12
N SER A 296 36.22 16.22 -24.65
CA SER A 296 35.02 17.02 -24.88
C SER A 296 34.02 16.77 -23.75
N PHE A 297 33.07 17.71 -23.61
CA PHE A 297 31.98 17.57 -22.63
C PHE A 297 30.76 18.36 -23.11
N LYS A 298 29.60 18.01 -22.58
CA LYS A 298 28.38 18.78 -22.81
C LYS A 298 28.18 19.67 -21.60
N LEU A 299 27.76 20.89 -21.85
CA LEU A 299 27.59 21.89 -20.83
C LEU A 299 26.10 22.17 -20.59
N LEU A 300 25.71 22.03 -19.31
CA LEU A 300 24.37 22.37 -18.83
C LEU A 300 24.54 23.56 -17.89
N HIS A 301 24.18 24.76 -18.36
CA HIS A 301 24.35 25.96 -17.56
C HIS A 301 22.96 26.54 -17.30
N ARG A 302 22.53 26.55 -16.04
CA ARG A 302 21.20 26.98 -15.68
C ARG A 302 21.19 27.39 -14.21
N ASP A 303 20.73 28.61 -13.93
CA ASP A 303 20.59 29.03 -12.56
C ASP A 303 19.41 28.36 -11.86
N ILE A 304 19.47 28.34 -10.53
CA ILE A 304 18.42 27.82 -9.69
C ILE A 304 17.89 29.01 -8.89
N ILE A 305 16.60 29.29 -9.00
CA ILE A 305 16.04 30.48 -8.35
C ILE A 305 15.14 29.98 -7.21
N LEU A 306 15.51 30.40 -5.98
CA LEU A 306 14.80 30.02 -4.78
C LEU A 306 13.99 31.23 -4.27
N VAL A 307 12.89 30.87 -3.65
CA VAL A 307 11.95 31.80 -3.03
C VAL A 307 12.23 31.92 -1.53
N PRO A 308 12.43 33.15 -1.01
CA PRO A 308 12.62 33.38 0.43
C PRO A 308 11.47 32.74 1.23
N GLU A 309 11.77 32.24 2.43
CA GLU A 309 10.77 31.58 3.27
C GLU A 309 10.06 32.65 4.14
N LYS B 20 2.59 13.20 -27.65
CA LYS B 20 1.46 12.32 -27.28
C LYS B 20 0.31 13.17 -26.71
N LEU B 21 0.62 13.82 -25.60
CA LEU B 21 -0.32 14.54 -24.77
C LEU B 21 0.35 15.86 -24.43
N PRO B 22 -0.38 16.92 -24.03
CA PRO B 22 0.26 18.17 -23.62
C PRO B 22 1.14 17.98 -22.40
N TYR B 23 2.13 18.87 -22.25
CA TYR B 23 2.97 18.85 -21.08
C TYR B 23 2.09 18.98 -19.83
N PRO B 24 2.36 18.14 -18.80
CA PRO B 24 1.59 18.13 -17.56
C PRO B 24 1.88 19.37 -16.69
N GLU B 25 1.46 20.53 -17.18
CA GLU B 25 1.82 21.81 -16.61
C GLU B 25 0.92 22.20 -15.43
N SER B 26 -0.33 21.71 -15.40
CA SER B 26 -1.29 22.10 -14.36
C SER B 26 -2.00 20.87 -13.79
N ALA B 27 -2.71 21.04 -12.68
CA ALA B 27 -3.37 19.92 -12.03
C ALA B 27 -4.49 19.37 -12.93
N ASP B 28 -5.22 20.26 -13.59
CA ASP B 28 -6.28 19.82 -14.47
C ASP B 28 -5.71 18.97 -15.61
N VAL B 29 -4.58 19.37 -16.19
CA VAL B 29 -3.99 18.65 -17.31
C VAL B 29 -3.46 17.30 -16.84
N ILE B 30 -2.84 17.25 -15.66
CA ILE B 30 -2.32 15.99 -15.13
C ILE B 30 -3.45 14.96 -15.06
N THR B 31 -4.57 15.36 -14.47
CA THR B 31 -5.70 14.46 -14.32
C THR B 31 -6.28 14.06 -15.66
N ALA B 32 -6.44 15.04 -16.59
CA ALA B 32 -6.98 14.72 -17.90
C ALA B 32 -6.07 13.77 -18.68
N ASN B 33 -4.75 14.01 -18.59
CA ASN B 33 -3.78 13.13 -19.24
C ASN B 33 -3.84 11.71 -18.68
N MET B 34 -3.85 11.56 -17.34
CA MET B 34 -3.93 10.25 -16.74
C MET B 34 -5.22 9.54 -17.16
N LEU B 35 -6.35 10.26 -17.15
CA LEU B 35 -7.60 9.62 -17.50
C LEU B 35 -7.56 9.19 -18.96
N LYS B 36 -6.99 10.02 -19.85
CA LYS B 36 -6.87 9.62 -21.25
C LYS B 36 -6.02 8.34 -21.37
N LEU B 37 -4.94 8.24 -20.59
CA LEU B 37 -4.09 7.06 -20.69
C LEU B 37 -4.78 5.78 -20.24
N THR B 38 -5.80 5.89 -19.38
CA THR B 38 -6.50 4.69 -18.90
C THR B 38 -7.11 3.94 -20.10
N ASP B 39 -7.38 4.65 -21.21
CA ASP B 39 -7.98 4.06 -22.40
C ASP B 39 -7.09 2.97 -22.99
N LEU B 40 -5.80 2.97 -22.65
CA LEU B 40 -4.89 1.98 -23.20
C LEU B 40 -5.01 0.62 -22.53
N THR B 41 -5.73 0.54 -21.41
CA THR B 41 -5.88 -0.72 -20.69
C THR B 41 -6.73 -1.68 -21.49
N PRO B 42 -6.20 -2.84 -21.96
CA PRO B 42 -6.98 -3.70 -22.85
C PRO B 42 -8.16 -4.40 -22.21
N ASP B 43 -8.00 -4.94 -20.99
CA ASP B 43 -9.07 -5.68 -20.33
C ASP B 43 -10.16 -4.69 -19.92
N ASP B 44 -11.42 -4.95 -20.34
CA ASP B 44 -12.48 -4.00 -20.10
C ASP B 44 -12.74 -3.75 -18.62
N ARG B 45 -12.74 -4.80 -17.78
CA ARG B 45 -12.99 -4.65 -16.37
C ARG B 45 -11.84 -3.92 -15.68
N LYS B 46 -10.59 -4.25 -16.06
CA LYS B 46 -9.46 -3.57 -15.44
C LYS B 46 -9.44 -2.08 -15.83
N ARG B 47 -9.84 -1.78 -17.08
CA ARG B 47 -9.92 -0.41 -17.57
C ARG B 47 -10.90 0.39 -16.70
N PHE B 48 -12.09 -0.18 -16.49
CA PHE B 48 -13.11 0.46 -15.66
C PHE B 48 -12.61 0.68 -14.24
N LEU B 49 -11.98 -0.31 -13.63
CA LEU B 49 -11.46 -0.19 -12.27
C LEU B 49 -10.39 0.92 -12.23
N LEU B 50 -9.47 0.91 -13.19
CA LEU B 50 -8.41 1.95 -13.21
C LEU B 50 -8.99 3.34 -13.37
N LYS B 51 -9.94 3.52 -14.29
CA LYS B 51 -10.52 4.82 -14.48
C LYS B 51 -11.18 5.31 -13.18
N ASN B 52 -11.93 4.43 -12.49
CA ASN B 52 -12.60 4.81 -11.25
C ASN B 52 -11.55 5.10 -10.17
N LEU B 53 -10.47 4.32 -10.13
CA LEU B 53 -9.42 4.53 -9.14
C LEU B 53 -8.76 5.90 -9.35
N VAL B 54 -8.37 6.20 -10.58
CA VAL B 54 -7.72 7.48 -10.88
C VAL B 54 -8.66 8.62 -10.51
N THR B 55 -9.94 8.51 -10.90
CA THR B 55 -10.90 9.57 -10.64
C THR B 55 -10.91 9.86 -9.13
N HIS B 56 -11.05 8.82 -8.31
CA HIS B 56 -11.14 8.99 -6.87
C HIS B 56 -9.82 9.46 -6.26
N LEU B 57 -8.69 8.92 -6.69
CA LEU B 57 -7.41 9.34 -6.14
C LEU B 57 -7.19 10.83 -6.38
N HIS B 58 -7.38 11.25 -7.62
CA HIS B 58 -7.16 12.63 -7.99
C HIS B 58 -8.14 13.53 -7.25
N GLN B 59 -9.42 13.12 -7.18
CA GLN B 59 -10.40 13.96 -6.47
C GLN B 59 -10.03 14.11 -5.00
N PHE B 60 -9.62 13.03 -4.36
CA PHE B 60 -9.20 13.05 -2.96
C PHE B 60 -8.10 14.08 -2.75
N VAL B 61 -7.08 14.03 -3.60
CA VAL B 61 -5.95 14.94 -3.46
C VAL B 61 -6.40 16.38 -3.66
N ARG B 62 -7.25 16.64 -4.67
CA ARG B 62 -7.68 18.02 -4.90
C ARG B 62 -8.61 18.53 -3.79
N GLU B 63 -9.58 17.69 -3.33
CA GLU B 63 -10.55 18.11 -2.33
C GLU B 63 -9.83 18.42 -1.01
N THR B 64 -8.76 17.70 -0.68
CA THR B 64 -8.08 17.87 0.59
C THR B 64 -6.90 18.83 0.47
N SER B 65 -6.45 19.17 -0.74
CA SER B 65 -5.18 19.88 -0.91
C SER B 65 -4.07 19.19 -0.13
N LEU B 66 -3.97 17.86 -0.29
CA LEU B 66 -2.97 17.08 0.38
C LEU B 66 -1.59 17.73 0.25
N THR B 67 -0.90 17.86 1.38
CA THR B 67 0.41 18.48 1.38
C THR B 67 1.52 17.49 0.99
N THR B 68 2.66 18.07 0.61
CA THR B 68 3.84 17.27 0.34
C THR B 68 4.17 16.36 1.53
N GLN B 69 4.19 16.94 2.74
CA GLN B 69 4.51 16.16 3.93
C GLN B 69 3.47 15.06 4.20
N GLU B 70 2.19 15.35 3.98
CA GLU B 70 1.16 14.35 4.19
C GLU B 70 1.30 13.20 3.18
N TRP B 71 1.66 13.54 1.93
CA TRP B 71 2.00 12.55 0.91
C TRP B 71 3.18 11.68 1.36
N GLU B 72 4.26 12.28 1.84
CA GLU B 72 5.44 11.58 2.32
C GLU B 72 5.05 10.58 3.41
N GLU B 73 4.23 11.06 4.36
CA GLU B 73 3.82 10.28 5.52
C GLU B 73 2.98 9.09 5.05
N THR B 74 2.20 9.31 4.00
CA THR B 74 1.33 8.26 3.49
C THR B 74 2.15 7.20 2.79
N ILE B 75 3.14 7.62 2.01
CA ILE B 75 4.09 6.70 1.41
C ILE B 75 4.76 5.84 2.48
N PHE B 76 5.26 6.47 3.53
CA PHE B 76 5.92 5.77 4.62
C PHE B 76 5.00 4.75 5.26
N PHE B 77 3.75 5.17 5.54
CA PHE B 77 2.80 4.28 6.19
C PHE B 77 2.51 3.05 5.34
N LEU B 78 2.22 3.27 4.05
CA LEU B 78 1.88 2.16 3.16
C LEU B 78 3.07 1.21 3.00
N THR B 79 4.27 1.77 2.90
CA THR B 79 5.47 0.96 2.84
C THR B 79 5.64 0.08 4.09
N ALA B 80 5.51 0.71 5.25
CA ALA B 80 5.60 -0.01 6.52
C ALA B 80 4.55 -1.10 6.63
N THR B 81 3.33 -0.81 6.17
CA THR B 81 2.26 -1.78 6.20
C THR B 81 2.64 -3.02 5.39
N GLY B 82 3.10 -2.82 4.15
CA GLY B 82 3.50 -3.96 3.33
C GLY B 82 4.66 -4.75 3.96
N GLN B 83 5.63 -4.03 4.53
CA GLN B 83 6.80 -4.68 5.12
C GLN B 83 6.45 -5.45 6.40
N LYS B 84 5.35 -5.10 7.07
CA LYS B 84 4.87 -5.80 8.25
C LYS B 84 4.24 -7.13 7.89
N CYS B 85 3.84 -7.30 6.62
CA CYS B 85 3.18 -8.51 6.16
C CYS B 85 4.14 -9.69 6.04
N THR B 86 3.62 -10.85 6.46
CA THR B 86 4.30 -12.15 6.40
C THR B 86 3.26 -13.22 6.04
N PRO B 87 3.67 -14.49 5.82
CA PRO B 87 2.70 -15.57 5.68
C PRO B 87 1.80 -15.81 6.89
N LEU B 88 2.15 -15.17 8.02
CA LEU B 88 1.38 -15.33 9.25
C LEU B 88 0.62 -14.07 9.65
N ARG B 89 0.83 -12.95 8.96
CA ARG B 89 0.19 -11.71 9.38
C ARG B 89 -0.02 -10.83 8.16
N GLN B 90 -1.28 -10.57 7.85
CA GLN B 90 -1.64 -9.72 6.71
C GLN B 90 -2.06 -8.34 7.22
N GLU B 91 -1.07 -7.45 7.34
CA GLU B 91 -1.32 -6.08 7.85
C GLU B 91 -2.15 -5.28 6.85
N PHE B 92 -2.05 -5.54 5.54
CA PHE B 92 -2.89 -4.85 4.58
C PHE B 92 -4.35 -5.29 4.71
N ILE B 93 -4.61 -6.57 4.96
CA ILE B 93 -5.98 -6.99 5.26
C ILE B 93 -6.48 -6.27 6.52
N LEU B 94 -5.67 -6.21 7.57
CA LEU B 94 -6.07 -5.55 8.79
C LEU B 94 -6.42 -4.08 8.53
N LEU B 95 -5.64 -3.40 7.69
CA LEU B 95 -5.92 -2.02 7.36
C LEU B 95 -7.26 -1.89 6.62
N SER B 96 -7.48 -2.75 5.63
CA SER B 96 -8.76 -2.81 4.94
C SER B 96 -9.88 -3.03 5.97
N ASP B 97 -9.63 -3.91 6.92
CA ASP B 97 -10.63 -4.29 7.91
C ASP B 97 -11.04 -3.10 8.78
N VAL B 98 -10.09 -2.39 9.36
CA VAL B 98 -10.40 -1.35 10.33
C VAL B 98 -11.04 -0.12 9.64
N LEU B 99 -10.87 0.02 8.34
CA LEU B 99 -11.46 1.13 7.59
C LEU B 99 -12.81 0.76 6.99
N GLY B 100 -13.30 -0.45 7.27
CA GLY B 100 -14.61 -0.89 6.82
C GLY B 100 -14.66 -1.40 5.38
N VAL B 101 -13.52 -1.40 4.69
CA VAL B 101 -13.48 -1.80 3.31
C VAL B 101 -13.77 -3.30 3.21
N SER B 102 -13.20 -4.07 4.10
CA SER B 102 -13.36 -5.51 4.05
C SER B 102 -14.83 -5.88 4.21
N ALA B 103 -15.48 -5.34 5.23
CA ALA B 103 -16.90 -5.58 5.45
C ALA B 103 -17.74 -5.13 4.27
N LEU B 104 -17.41 -4.00 3.64
CA LEU B 104 -18.17 -3.52 2.50
C LEU B 104 -18.05 -4.51 1.33
N VAL B 105 -16.84 -4.95 1.03
CA VAL B 105 -16.61 -5.97 0.02
C VAL B 105 -17.42 -7.24 0.35
N ASP B 106 -17.43 -7.66 1.63
CA ASP B 106 -18.14 -8.87 2.10
C ASP B 106 -19.63 -8.71 1.76
N ALA B 107 -20.21 -7.55 2.07
CA ALA B 107 -21.65 -7.33 1.89
C ALA B 107 -22.04 -7.30 0.42
N ILE B 108 -21.23 -6.66 -0.43
CA ILE B 108 -21.46 -6.58 -1.87
C ILE B 108 -21.44 -7.96 -2.51
N ASN B 109 -20.51 -8.80 -2.08
CA ASN B 109 -20.19 -10.04 -2.78
C ASN B 109 -21.01 -11.23 -2.29
N ASN B 110 -21.65 -11.16 -1.13
CA ASN B 110 -22.47 -12.27 -0.63
C ASN B 110 -23.75 -11.66 -0.10
N PRO B 111 -24.61 -11.12 -0.97
CA PRO B 111 -25.82 -10.45 -0.51
C PRO B 111 -26.73 -11.49 0.16
N PRO B 112 -27.27 -11.17 1.34
CA PRO B 112 -28.17 -12.06 2.07
C PRO B 112 -29.35 -12.62 1.29
N VAL B 113 -29.77 -11.98 0.18
CA VAL B 113 -30.94 -12.41 -0.58
C VAL B 113 -30.74 -13.80 -1.18
N HIS B 114 -29.49 -14.21 -1.37
CA HIS B 114 -29.20 -15.52 -1.94
C HIS B 114 -29.52 -16.64 -0.95
N GLY B 115 -29.70 -16.33 0.36
CA GLY B 115 -30.21 -17.31 1.32
C GLY B 115 -29.16 -18.09 2.13
N GLY B 116 -27.88 -17.79 1.93
CA GLY B 116 -26.86 -18.59 2.58
C GLY B 116 -26.52 -18.01 3.95
N THR B 117 -25.67 -18.75 4.69
CA THR B 117 -24.97 -18.15 5.81
C THR B 117 -24.28 -16.87 5.38
N GLU B 118 -24.39 -15.79 6.17
CA GLU B 118 -23.77 -14.54 5.79
C GLU B 118 -22.25 -14.59 5.92
N SER B 119 -21.58 -13.74 5.13
CA SER B 119 -20.15 -13.60 5.19
C SER B 119 -19.72 -12.73 6.37
N SER B 120 -18.44 -12.84 6.71
CA SER B 120 -17.82 -11.99 7.69
C SER B 120 -16.34 -11.89 7.36
N VAL B 121 -15.66 -10.94 7.97
CA VAL B 121 -14.29 -10.55 7.71
C VAL B 121 -13.34 -11.75 7.87
N LEU B 122 -12.42 -11.91 6.90
CA LEU B 122 -11.37 -12.91 7.01
C LEU B 122 -10.40 -12.56 8.12
N GLY B 123 -9.96 -11.28 8.15
CA GLY B 123 -8.98 -10.85 9.09
C GLY B 123 -7.57 -11.25 8.67
N PRO B 124 -6.57 -10.85 9.48
CA PRO B 124 -5.17 -10.93 9.07
C PRO B 124 -4.47 -12.24 9.40
N PHE B 125 -5.19 -13.21 10.02
CA PHE B 125 -4.56 -14.36 10.63
C PHE B 125 -5.03 -15.69 10.04
N TYR B 126 -5.52 -15.69 8.78
CA TYR B 126 -5.71 -16.94 8.06
C TYR B 126 -4.35 -17.42 7.56
N THR B 127 -4.06 -18.72 7.68
CA THR B 127 -2.80 -19.25 7.21
C THR B 127 -3.02 -20.46 6.28
N ASP B 128 -2.01 -20.75 5.46
CA ASP B 128 -2.10 -21.84 4.51
C ASP B 128 -1.53 -23.13 5.07
N ASP B 129 -1.36 -23.26 6.41
CA ASP B 129 -0.69 -24.42 7.00
C ASP B 129 -1.51 -25.14 8.07
N SER B 130 -2.82 -24.97 8.04
CA SER B 130 -3.65 -25.62 9.05
C SER B 130 -3.62 -27.13 8.86
N PRO B 131 -3.64 -27.94 9.93
CA PRO B 131 -3.67 -29.41 9.73
C PRO B 131 -4.99 -29.86 9.12
N ASP B 132 -4.92 -30.89 8.26
CA ASP B 132 -6.12 -31.62 7.89
C ASP B 132 -6.57 -32.46 9.08
N LEU B 133 -7.87 -32.36 9.40
CA LEU B 133 -8.50 -33.05 10.52
C LEU B 133 -9.79 -33.71 10.06
N GLN B 134 -10.26 -34.64 10.87
CA GLN B 134 -11.51 -35.35 10.66
C GLN B 134 -12.45 -35.12 11.85
N ASN B 135 -13.72 -35.51 11.71
CA ASN B 135 -14.68 -35.26 12.76
C ASN B 135 -14.20 -35.86 14.09
N GLY B 136 -14.37 -35.05 15.14
CA GLY B 136 -14.06 -35.45 16.51
C GLY B 136 -12.66 -35.05 16.95
N ASP B 137 -11.86 -34.55 16.01
CA ASP B 137 -10.51 -34.08 16.30
C ASP B 137 -10.57 -32.70 16.97
N SER B 138 -9.46 -32.26 17.57
CA SER B 138 -9.38 -30.93 18.12
C SER B 138 -8.49 -30.04 17.26
N ILE B 139 -8.89 -28.78 17.13
CA ILE B 139 -8.07 -27.76 16.52
C ILE B 139 -7.10 -27.14 17.51
N ALA B 140 -7.25 -27.44 18.80
CA ALA B 140 -6.52 -26.79 19.86
C ALA B 140 -5.79 -27.82 20.71
N SER B 141 -4.51 -27.55 21.02
CA SER B 141 -3.78 -28.32 22.02
C SER B 141 -4.44 -28.16 23.39
N GLU B 142 -3.97 -28.95 24.35
CA GLU B 142 -4.48 -28.85 25.71
C GLU B 142 -3.92 -27.56 26.33
N ASP B 143 -4.63 -27.04 27.32
CA ASP B 143 -4.27 -25.82 28.04
C ASP B 143 -4.25 -24.62 27.10
N LYS B 144 -5.20 -24.54 26.14
CA LYS B 144 -5.27 -23.40 25.25
C LYS B 144 -6.56 -22.61 25.44
N GLY B 145 -7.38 -23.04 26.43
CA GLY B 145 -8.61 -22.31 26.72
C GLY B 145 -9.69 -23.30 27.17
N ASP B 146 -10.89 -22.78 27.43
CA ASP B 146 -11.97 -23.60 27.97
C ASP B 146 -12.51 -24.45 26.84
N TYR B 147 -12.89 -25.69 27.14
CA TYR B 147 -13.32 -26.60 26.08
C TYR B 147 -14.61 -26.12 25.38
N MET B 148 -14.61 -26.30 24.06
CA MET B 148 -15.79 -26.03 23.24
C MET B 148 -15.90 -27.13 22.18
N TYR B 149 -17.15 -27.54 21.86
CA TYR B 149 -17.39 -28.48 20.77
C TYR B 149 -18.20 -27.73 19.72
N VAL B 150 -17.79 -27.84 18.45
CA VAL B 150 -18.45 -27.16 17.34
C VAL B 150 -19.04 -28.20 16.41
N GLU B 151 -20.32 -28.08 16.05
CA GLU B 151 -20.90 -29.09 15.18
C GLU B 151 -22.00 -28.47 14.34
N GLY B 152 -22.32 -29.17 13.27
CA GLY B 152 -23.38 -28.75 12.39
C GLY B 152 -23.39 -29.60 11.13
N ARG B 153 -24.22 -29.17 10.17
CA ARG B 153 -24.29 -29.85 8.88
C ARG B 153 -24.16 -28.81 7.78
N VAL B 154 -23.43 -29.18 6.71
CA VAL B 154 -23.29 -28.35 5.55
C VAL B 154 -24.39 -28.68 4.55
N LEU B 155 -25.18 -27.66 4.21
CA LEU B 155 -26.35 -27.84 3.37
C LEU B 155 -26.36 -26.79 2.29
N SER B 156 -26.91 -27.14 1.12
CA SER B 156 -27.30 -26.18 0.10
C SER B 156 -28.49 -25.32 0.57
N THR B 157 -28.64 -24.13 0.01
CA THR B 157 -29.86 -23.34 0.22
C THR B 157 -31.09 -24.13 -0.22
N ASP B 158 -30.94 -25.10 -1.13
CA ASP B 158 -32.08 -25.85 -1.60
C ASP B 158 -32.31 -27.08 -0.73
N GLY B 159 -31.50 -27.24 0.32
CA GLY B 159 -31.75 -28.30 1.28
C GLY B 159 -30.84 -29.53 1.11
N THR B 160 -30.16 -29.62 -0.04
CA THR B 160 -29.39 -30.81 -0.30
C THR B 160 -28.12 -30.81 0.56
N PRO B 161 -27.81 -31.90 1.28
CA PRO B 161 -26.54 -32.02 2.00
C PRO B 161 -25.36 -31.96 1.04
N VAL B 162 -24.26 -31.39 1.52
CA VAL B 162 -23.10 -31.07 0.70
C VAL B 162 -22.01 -32.06 1.07
N PRO B 163 -21.62 -32.96 0.12
CA PRO B 163 -20.45 -33.81 0.32
C PRO B 163 -19.16 -33.04 -0.01
N ASN B 164 -18.04 -33.60 0.48
CA ASN B 164 -16.71 -33.12 0.14
C ASN B 164 -16.50 -31.68 0.59
N ALA B 165 -17.17 -31.28 1.68
CA ALA B 165 -16.94 -29.95 2.23
C ALA B 165 -15.77 -29.98 3.22
N THR B 166 -15.00 -28.88 3.20
CA THR B 166 -14.00 -28.67 4.24
C THR B 166 -14.32 -27.37 4.98
N ILE B 167 -14.06 -27.42 6.29
CA ILE B 167 -14.25 -26.27 7.17
C ILE B 167 -12.86 -25.86 7.66
N GLU B 168 -12.37 -24.74 7.13
CA GLU B 168 -11.18 -24.09 7.65
C GLU B 168 -11.65 -23.24 8.82
N THR B 169 -11.10 -23.50 10.01
CA THR B 169 -11.54 -22.81 11.21
C THR B 169 -10.30 -22.38 11.97
N TRP B 170 -10.38 -21.22 12.62
CA TRP B 170 -9.27 -20.67 13.40
C TRP B 170 -9.81 -19.67 14.42
N GLU B 171 -9.07 -19.55 15.53
CA GLU B 171 -9.46 -18.68 16.63
C GLU B 171 -8.26 -18.32 17.47
N THR B 172 -8.44 -17.26 18.28
CA THR B 172 -7.49 -16.92 19.31
C THR B 172 -7.42 -18.05 20.33
N ASP B 173 -6.25 -18.23 20.96
CA ASP B 173 -6.13 -18.93 22.21
C ASP B 173 -6.84 -18.16 23.33
N GLY B 174 -7.01 -18.86 24.46
CA GLY B 174 -7.78 -18.34 25.58
C GLY B 174 -7.09 -17.21 26.30
N HIS B 175 -5.83 -16.86 25.92
CA HIS B 175 -5.18 -15.69 26.50
C HIS B 175 -5.37 -14.48 25.61
N GLY B 176 -5.91 -14.64 24.42
CA GLY B 176 -6.19 -13.56 23.49
C GLY B 176 -5.14 -13.38 22.40
N PHE B 177 -4.45 -14.48 22.02
CA PHE B 177 -3.44 -14.40 20.97
C PHE B 177 -3.65 -15.57 20.02
N TYR B 178 -3.57 -15.27 18.72
CA TYR B 178 -3.48 -16.31 17.69
C TYR B 178 -2.07 -16.90 17.69
N ASP B 179 -2.00 -18.19 17.28
CA ASP B 179 -0.73 -18.87 17.11
C ASP B 179 0.26 -18.07 16.25
N THR B 180 -0.26 -17.31 15.30
CA THR B 180 0.55 -16.50 14.40
C THR B 180 1.34 -15.42 15.13
N GLN B 181 0.91 -15.07 16.36
CA GLN B 181 1.55 -14.04 17.16
C GLN B 181 2.65 -14.61 18.05
N TYR B 182 2.82 -15.94 18.12
CA TYR B 182 3.76 -16.54 19.05
C TYR B 182 5.18 -16.35 18.54
N ALA B 183 6.14 -16.12 19.43
CA ALA B 183 7.54 -16.03 18.99
C ALA B 183 8.01 -17.40 18.50
N VAL B 184 7.56 -18.47 19.14
CA VAL B 184 7.92 -19.83 18.77
C VAL B 184 6.64 -20.48 18.27
N ARG B 185 6.61 -20.82 16.97
CA ARG B 185 5.45 -21.49 16.39
C ARG B 185 5.99 -22.73 15.66
N ASP B 186 6.19 -23.82 16.39
CA ASP B 186 6.78 -25.03 15.83
C ASP B 186 5.70 -25.80 15.08
N LYS B 187 4.43 -25.59 15.47
CA LYS B 187 3.30 -26.14 14.75
C LYS B 187 2.18 -25.10 14.83
N PRO B 188 1.21 -25.13 13.90
CA PRO B 188 0.01 -24.30 14.05
C PRO B 188 -0.75 -24.69 15.31
N ASP B 189 -1.61 -23.79 15.82
CA ASP B 189 -2.48 -24.12 16.92
C ASP B 189 -3.76 -23.31 16.82
N CYS B 190 -4.82 -23.86 17.41
CA CYS B 190 -6.16 -23.30 17.42
C CYS B 190 -6.60 -22.99 15.98
N ARG B 191 -6.30 -23.93 15.08
CA ARG B 191 -6.75 -23.88 13.70
C ARG B 191 -6.68 -25.27 13.10
N GLY B 192 -7.54 -25.49 12.10
CA GLY B 192 -7.52 -26.75 11.38
C GLY B 192 -8.49 -26.72 10.21
N ARG B 193 -8.30 -27.69 9.30
CA ARG B 193 -9.18 -27.88 8.17
C ARG B 193 -9.93 -29.19 8.39
N VAL B 194 -11.21 -29.08 8.79
CA VAL B 194 -11.98 -30.25 9.19
C VAL B 194 -12.70 -30.74 7.94
N HIS B 195 -12.49 -32.02 7.59
CA HIS B 195 -13.16 -32.60 6.45
C HIS B 195 -14.50 -33.14 6.93
N ALA B 196 -15.60 -32.57 6.45
CA ALA B 196 -16.92 -33.06 6.82
C ALA B 196 -17.16 -34.41 6.17
N ASP B 197 -18.16 -35.14 6.67
CA ASP B 197 -18.47 -36.46 6.10
C ASP B 197 -19.35 -36.30 4.84
N LYS B 198 -19.60 -37.46 4.19
CA LYS B 198 -20.28 -37.49 2.90
C LYS B 198 -21.70 -36.94 3.02
N ASP B 199 -22.27 -36.96 4.24
CA ASP B 199 -23.61 -36.48 4.50
C ASP B 199 -23.62 -35.02 4.97
N GLY B 200 -22.47 -34.34 4.92
CA GLY B 200 -22.35 -32.93 5.29
C GLY B 200 -22.07 -32.66 6.77
N HIS B 201 -22.09 -33.70 7.62
CA HIS B 201 -21.93 -33.50 9.06
C HIS B 201 -20.47 -33.19 9.41
N PHE B 202 -20.30 -32.18 10.26
CA PHE B 202 -19.01 -31.87 10.84
C PHE B 202 -19.11 -31.75 12.35
N GLY B 203 -18.01 -32.06 13.02
CA GLY B 203 -17.91 -31.89 14.46
C GLY B 203 -16.46 -31.86 14.89
N TYR B 204 -16.10 -30.91 15.77
CA TYR B 204 -14.70 -30.87 16.22
C TYR B 204 -14.61 -30.18 17.58
N ARG B 205 -13.49 -30.46 18.26
CA ARG B 205 -13.16 -29.82 19.52
C ARG B 205 -12.36 -28.55 19.24
N ALA B 206 -12.59 -27.56 20.09
CA ALA B 206 -11.96 -26.26 20.03
C ALA B 206 -11.86 -25.69 21.44
N VAL B 207 -11.62 -24.38 21.53
CA VAL B 207 -11.72 -23.67 22.81
C VAL B 207 -12.71 -22.52 22.65
N VAL B 208 -13.27 -22.08 23.78
CA VAL B 208 -14.17 -20.94 23.77
C VAL B 208 -13.35 -19.72 23.35
N PRO B 209 -13.74 -18.99 22.28
CA PRO B 209 -12.98 -17.83 21.87
C PRO B 209 -13.18 -16.69 22.87
N VAL B 210 -12.14 -15.88 23.07
CA VAL B 210 -12.21 -14.75 23.99
C VAL B 210 -12.22 -13.47 23.17
N ALA B 211 -12.65 -12.35 23.81
CA ALA B 211 -12.53 -11.06 23.17
C ALA B 211 -11.09 -10.88 22.75
N TYR B 212 -10.94 -10.29 21.57
CA TYR B 212 -9.66 -10.33 20.88
C TYR B 212 -9.11 -8.91 20.68
N PRO B 213 -7.96 -8.58 21.29
CA PRO B 213 -7.29 -7.30 21.09
C PRO B 213 -6.42 -7.34 19.83
N ILE B 214 -6.67 -6.48 18.87
CA ILE B 214 -5.85 -6.41 17.67
C ILE B 214 -4.45 -5.94 18.04
N PRO B 215 -3.39 -6.59 17.56
CA PRO B 215 -2.03 -6.19 17.92
C PRO B 215 -1.75 -4.77 17.40
N GLY B 216 -1.19 -3.96 18.29
CA GLY B 216 -0.97 -2.53 18.01
C GLY B 216 0.47 -2.20 17.64
N ASP B 217 1.31 -3.22 17.38
CA ASP B 217 2.75 -3.06 17.14
C ASP B 217 3.09 -2.87 15.66
N GLY B 218 2.12 -2.60 14.80
CA GLY B 218 2.34 -2.28 13.41
C GLY B 218 1.61 -1.01 13.03
N PRO B 219 1.64 -0.65 11.72
CA PRO B 219 1.05 0.61 11.24
C PRO B 219 -0.42 0.72 11.62
N VAL B 220 -1.16 -0.39 11.55
CA VAL B 220 -2.59 -0.27 11.83
C VAL B 220 -2.84 0.11 13.28
N GLY B 221 -2.06 -0.42 14.22
CA GLY B 221 -2.18 0.03 15.61
C GLY B 221 -1.96 1.53 15.76
N ASN B 222 -0.97 2.09 15.06
CA ASN B 222 -0.72 3.51 15.10
C ASN B 222 -1.89 4.29 14.52
N LEU B 223 -2.49 3.78 13.43
CA LEU B 223 -3.65 4.43 12.82
C LEU B 223 -4.84 4.45 13.80
N LEU B 224 -5.10 3.35 14.50
CA LEU B 224 -6.20 3.32 15.46
C LEU B 224 -5.94 4.31 16.60
N LEU B 225 -4.71 4.38 17.13
CA LEU B 225 -4.41 5.35 18.16
C LEU B 225 -4.63 6.78 17.68
N ALA B 226 -4.17 7.09 16.48
CA ALA B 226 -4.19 8.47 15.96
C ALA B 226 -5.62 8.89 15.66
N THR B 227 -6.51 7.93 15.50
CA THR B 227 -7.89 8.20 15.13
C THR B 227 -8.85 7.90 16.30
N GLY B 228 -8.34 7.74 17.52
CA GLY B 228 -9.14 7.68 18.71
C GLY B 228 -9.99 6.41 18.84
N ARG B 229 -9.58 5.34 18.15
CA ARG B 229 -10.36 4.10 18.09
C ARG B 229 -9.85 3.10 19.12
N HIS B 230 -10.73 2.22 19.58
CA HIS B 230 -10.29 1.04 20.33
C HIS B 230 -9.82 -0.05 19.36
N ASN B 231 -9.19 -1.10 19.91
CA ASN B 231 -8.62 -2.16 19.10
C ASN B 231 -9.29 -3.51 19.36
N MET B 232 -10.56 -3.54 19.74
CA MET B 232 -11.14 -4.79 20.20
C MET B 232 -12.07 -5.41 19.16
N ARG B 233 -11.96 -6.75 19.09
CA ARG B 233 -12.98 -7.53 18.43
C ARG B 233 -13.72 -8.40 19.45
N PRO B 234 -15.02 -8.61 19.27
CA PRO B 234 -15.72 -9.56 20.13
C PRO B 234 -15.15 -10.94 19.88
N ASN B 235 -15.43 -11.83 20.83
CA ASN B 235 -15.19 -13.26 20.68
C ASN B 235 -15.73 -13.73 19.33
N HIS B 236 -14.95 -14.58 18.64
CA HIS B 236 -15.36 -15.10 17.36
C HIS B 236 -14.55 -16.34 16.98
N LEU B 237 -15.20 -17.19 16.21
CA LEU B 237 -14.61 -18.40 15.62
C LEU B 237 -14.73 -18.28 14.11
N HIS B 238 -13.61 -18.23 13.38
CA HIS B 238 -13.65 -18.16 11.93
C HIS B 238 -14.10 -19.48 11.33
N MET B 239 -14.91 -19.38 10.28
CA MET B 239 -15.46 -20.50 9.57
C MET B 239 -15.36 -20.22 8.07
N MET B 240 -14.48 -20.95 7.35
CA MET B 240 -14.30 -20.77 5.91
C MET B 240 -14.59 -22.12 5.27
N VAL B 241 -15.67 -22.18 4.49
CA VAL B 241 -16.23 -23.44 4.04
C VAL B 241 -16.19 -23.49 2.51
N GLU B 242 -15.62 -24.58 2.00
CA GLU B 242 -15.47 -24.76 0.57
C GLU B 242 -15.97 -26.15 0.21
N ALA B 243 -16.68 -26.26 -0.90
CA ALA B 243 -17.08 -27.55 -1.40
C ALA B 243 -17.31 -27.46 -2.90
N PRO B 244 -17.04 -28.56 -3.63
CA PRO B 244 -17.28 -28.56 -5.08
C PRO B 244 -18.75 -28.24 -5.35
N GLY B 245 -18.99 -27.30 -6.25
CA GLY B 245 -20.34 -26.98 -6.69
C GLY B 245 -20.92 -25.78 -5.93
N PHE B 246 -20.17 -25.27 -4.96
CA PHE B 246 -20.69 -24.19 -4.11
C PHE B 246 -19.75 -22.99 -4.07
N ARG B 247 -20.35 -21.83 -3.82
CA ARG B 247 -19.60 -20.61 -3.58
C ARG B 247 -18.86 -20.76 -2.25
N LYS B 248 -17.59 -20.42 -2.24
CA LYS B 248 -16.82 -20.40 -1.00
C LYS B 248 -17.44 -19.40 -0.03
N LEU B 249 -17.59 -19.83 1.23
CA LEU B 249 -18.05 -18.95 2.30
C LEU B 249 -16.91 -18.64 3.26
N THR B 250 -16.71 -17.33 3.51
CA THR B 250 -15.77 -16.90 4.50
C THR B 250 -16.58 -16.16 5.57
N SER B 251 -16.66 -16.73 6.77
CA SER B 251 -17.56 -16.22 7.81
C SER B 251 -16.97 -16.43 9.20
N ALA B 252 -17.80 -16.20 10.22
CA ALA B 252 -17.38 -16.35 11.60
C ALA B 252 -18.62 -16.44 12.47
N TRP B 253 -18.56 -17.24 13.55
CA TRP B 253 -19.62 -17.25 14.56
C TRP B 253 -19.17 -16.39 15.74
N TYR B 254 -20.12 -15.62 16.30
CA TYR B 254 -19.85 -14.68 17.37
C TYR B 254 -20.66 -15.01 18.61
N PRO B 255 -20.06 -15.64 19.64
CA PRO B 255 -20.87 -15.99 20.81
C PRO B 255 -21.54 -14.76 21.47
N GLU B 256 -22.83 -14.94 21.80
CA GLU B 256 -23.64 -13.92 22.45
C GLU B 256 -22.98 -13.49 23.76
N GLY B 257 -23.30 -12.27 24.17
CA GLY B 257 -23.02 -11.79 25.51
C GLY B 257 -21.70 -11.04 25.66
N ASP B 258 -20.96 -10.86 24.55
CA ASP B 258 -19.66 -10.19 24.59
C ASP B 258 -19.87 -8.68 24.45
N GLU B 259 -19.22 -7.89 25.32
CA GLU B 259 -19.43 -6.45 25.37
C GLU B 259 -18.98 -5.73 24.09
N TRP B 260 -18.16 -6.36 23.23
CA TRP B 260 -17.63 -5.71 22.05
C TRP B 260 -18.45 -6.02 20.79
N LEU B 261 -19.51 -6.82 20.89
CA LEU B 261 -20.29 -7.16 19.71
C LEU B 261 -20.79 -5.91 18.98
N GLU B 262 -21.18 -4.88 19.75
CA GLU B 262 -21.74 -3.66 19.20
C GLU B 262 -20.69 -2.65 18.75
N SER B 263 -19.39 -2.93 18.91
CA SER B 263 -18.37 -2.00 18.45
C SER B 263 -17.14 -2.72 17.90
N ASP B 264 -17.38 -3.83 17.20
CA ASP B 264 -16.33 -4.59 16.56
C ASP B 264 -15.48 -3.60 15.76
N ALA B 265 -14.16 -3.61 16.01
CA ALA B 265 -13.24 -2.73 15.32
C ALA B 265 -13.19 -2.92 13.80
N VAL B 266 -13.64 -4.09 13.28
CA VAL B 266 -13.54 -4.38 11.86
C VAL B 266 -14.91 -4.68 11.25
N PHE B 267 -16.01 -4.34 11.95
CA PHE B 267 -17.33 -4.29 11.35
C PHE B 267 -17.76 -5.66 10.82
N GLY B 268 -17.51 -6.71 11.61
CA GLY B 268 -17.75 -8.05 11.14
C GLY B 268 -19.05 -8.69 11.66
N VAL B 269 -19.60 -8.13 12.72
CA VAL B 269 -20.70 -8.72 13.46
C VAL B 269 -22.01 -8.46 12.73
N LYS B 270 -22.81 -9.51 12.63
CA LYS B 270 -24.14 -9.47 12.03
C LYS B 270 -25.01 -10.33 12.92
N LYS B 271 -26.26 -9.94 13.12
CA LYS B 271 -27.09 -10.65 14.09
C LYS B 271 -27.25 -12.13 13.73
N SER B 272 -27.30 -12.48 12.42
CA SER B 272 -27.51 -13.89 12.05
C SER B 272 -26.28 -14.76 12.38
N LEU B 273 -25.14 -14.14 12.69
CA LEU B 273 -23.89 -14.84 13.00
C LEU B 273 -23.62 -14.89 14.49
N VAL B 274 -24.52 -14.32 15.31
CA VAL B 274 -24.40 -14.39 16.76
C VAL B 274 -25.00 -15.74 17.20
N VAL B 275 -24.25 -16.49 18.02
CA VAL B 275 -24.64 -17.84 18.40
C VAL B 275 -24.72 -17.96 19.91
N GLY B 276 -25.57 -18.90 20.34
CA GLY B 276 -25.58 -19.33 21.73
C GLY B 276 -24.57 -20.44 21.94
N LEU B 277 -24.05 -20.49 23.16
CA LEU B 277 -23.23 -21.61 23.57
C LEU B 277 -23.94 -22.30 24.74
N SER B 278 -24.20 -23.61 24.62
CA SER B 278 -24.78 -24.37 25.71
C SER B 278 -23.70 -24.89 26.66
N GLU B 279 -23.82 -24.56 27.96
CA GLU B 279 -23.01 -25.22 28.97
C GLU B 279 -23.51 -26.64 29.15
N VAL B 280 -22.60 -27.62 28.99
CA VAL B 280 -22.92 -29.03 29.12
C VAL B 280 -22.01 -29.63 30.19
N ARG B 281 -22.64 -30.16 31.24
CA ARG B 281 -21.94 -30.94 32.25
C ARG B 281 -22.48 -32.36 32.18
N ASP B 282 -21.78 -33.22 31.43
CA ASP B 282 -22.22 -34.58 31.15
C ASP B 282 -20.93 -35.35 30.85
N GLU B 283 -20.45 -36.10 31.84
CA GLU B 283 -19.09 -36.66 31.77
C GLU B 283 -19.01 -37.70 30.65
N ALA B 284 -20.08 -38.50 30.50
CA ALA B 284 -20.14 -39.54 29.47
C ALA B 284 -20.06 -38.91 28.07
N GLU B 285 -20.78 -37.80 27.89
CA GLU B 285 -20.80 -37.11 26.61
C GLU B 285 -19.44 -36.46 26.34
N ALA B 286 -18.86 -35.82 27.35
CA ALA B 286 -17.56 -35.18 27.21
C ALA B 286 -16.53 -36.19 26.72
N ARG B 287 -16.55 -37.41 27.30
CA ARG B 287 -15.60 -38.43 26.89
C ARG B 287 -15.87 -38.93 25.49
N LYS B 288 -17.14 -39.11 25.13
CA LYS B 288 -17.53 -39.58 23.81
C LYS B 288 -17.05 -38.59 22.75
N ARG B 289 -17.10 -37.30 23.07
CA ARG B 289 -16.77 -36.26 22.11
C ARG B 289 -15.25 -36.08 22.01
N GLY B 290 -14.50 -36.70 22.91
CA GLY B 290 -13.06 -36.79 22.75
C GLY B 290 -12.29 -35.84 23.65
N PHE B 291 -12.95 -35.15 24.59
CA PHE B 291 -12.29 -34.22 25.48
C PHE B 291 -11.39 -35.00 26.45
N PRO B 292 -10.04 -34.83 26.41
CA PRO B 292 -9.16 -35.64 27.26
C PRO B 292 -9.42 -35.56 28.77
N LYS B 293 -9.71 -34.36 29.30
CA LYS B 293 -9.87 -34.18 30.74
C LYS B 293 -11.33 -34.37 31.16
N GLY B 294 -12.22 -34.64 30.20
CA GLY B 294 -13.65 -34.68 30.53
C GLY B 294 -14.09 -33.33 31.09
N GLY B 295 -15.03 -33.34 32.05
CA GLY B 295 -15.54 -32.12 32.66
C GLY B 295 -16.51 -31.38 31.71
N SER B 296 -16.80 -30.13 32.01
CA SER B 296 -17.81 -29.42 31.27
C SER B 296 -17.25 -28.87 29.97
N PHE B 297 -18.13 -28.60 29.00
CA PHE B 297 -17.72 -27.95 27.76
C PHE B 297 -18.88 -27.09 27.27
N LYS B 298 -18.59 -26.14 26.38
CA LYS B 298 -19.61 -25.36 25.71
C LYS B 298 -19.86 -25.99 24.34
N LEU B 299 -21.13 -26.10 23.96
CA LEU B 299 -21.50 -26.67 22.69
C LEU B 299 -22.05 -25.56 21.80
N LEU B 300 -21.47 -25.48 20.59
CA LEU B 300 -21.87 -24.57 19.53
C LEU B 300 -22.40 -25.44 18.40
N HIS B 301 -23.71 -25.43 18.20
CA HIS B 301 -24.35 -26.21 17.16
C HIS B 301 -24.95 -25.24 16.17
N ARG B 302 -24.45 -25.25 14.92
CA ARG B 302 -24.98 -24.34 13.91
CA ARG B 302 -24.99 -24.35 13.91
C ARG B 302 -24.67 -24.90 12.52
N ASP B 303 -25.69 -25.02 11.68
CA ASP B 303 -25.49 -25.48 10.31
C ASP B 303 -24.86 -24.40 9.44
N ILE B 304 -24.20 -24.84 8.37
CA ILE B 304 -23.63 -23.92 7.39
C ILE B 304 -24.45 -24.07 6.09
N ILE B 305 -24.95 -22.95 5.57
CA ILE B 305 -25.80 -22.98 4.39
C ILE B 305 -25.04 -22.32 3.25
N LEU B 306 -24.74 -23.11 2.20
CA LEU B 306 -23.94 -22.65 1.08
C LEU B 306 -24.83 -22.39 -0.16
N VAL B 307 -24.38 -21.44 -0.97
CA VAL B 307 -25.05 -21.04 -2.21
C VAL B 307 -24.44 -21.79 -3.39
N PRO B 308 -25.24 -22.54 -4.19
CA PRO B 308 -24.72 -23.19 -5.41
C PRO B 308 -24.04 -22.17 -6.33
N GLU B 309 -22.99 -22.62 -7.02
CA GLU B 309 -22.38 -21.86 -8.12
C GLU B 309 -23.41 -21.38 -9.14
C1 PTY C . -2.97 -5.33 -10.41
C2 PTY C . 0.87 -8.18 -8.34
C3 PTY C . 0.38 -9.14 -9.45
O4 PTY C . -2.58 -4.01 -10.00
C5 PTY C . -1.05 -5.50 -12.03
C6 PTY C . -2.55 -5.56 -11.85
O7 PTY C . -2.97 -4.54 -12.81
C8 PTY C . -4.25 -4.55 -13.22
O10 PTY C . -5.02 -5.39 -12.85
C11 PTY C . -4.63 -3.33 -13.98
C12 PTY C . -5.83 -2.63 -13.41
C13 PTY C . -5.61 -2.07 -12.04
C14 PTY C . -6.82 -1.51 -11.41
C15 PTY C . -6.96 -1.92 -9.99
C16 PTY C . -7.89 -1.08 -9.21
C17 PTY C . -7.52 -0.91 -7.79
C18 PTY C . -8.48 -1.49 -6.86
C19 PTY C . -8.56 -0.84 -5.50
C20 PTY C . -7.49 0.15 -5.19
C21 PTY C . -7.76 0.99 -4.01
C22 PTY C . -8.97 1.85 -4.15
C23 PTY C . -8.71 3.31 -3.92
C24 PTY C . -9.62 4.23 -4.70
C25 PTY C . -10.45 5.05 -3.87
C26 PTY C . -9.72 5.90 -2.88
C27 PTY C . -8.85 6.86 -3.49
C28 PTY C . -8.59 8.02 -2.61
C29 PTY C . -8.86 7.81 -1.18
C30 PTY C . -3.18 -3.47 -8.91
C31 PTY C . -2.82 -2.05 -8.69
O30 PTY C . -3.91 -4.07 -8.16
C32 PTY C . -3.44 -1.42 -7.49
C33 PTY C . -3.21 0.08 -7.45
C34 PTY C . -3.56 0.71 -6.18
C35 PTY C . -3.10 2.08 -6.05
C36 PTY C . -3.60 2.75 -4.85
C37 PTY C . -3.10 4.15 -4.75
C38 PTY C . -1.75 4.23 -4.22
C39 PTY C . -0.80 5.00 -5.07
C40 PTY C . 0.19 5.70 -4.26
C41 PTY C . -0.37 6.96 -3.68
C42 PTY C . 0.11 7.31 -2.31
C43 PTY C . -0.28 8.71 -1.96
C44 PTY C . -1.77 8.94 -2.07
P1 PTY C . -0.39 -8.06 -11.87
O11 PTY C . 0.69 -8.73 -10.85
O12 PTY C . 0.27 -8.12 -13.22
O13 PTY C . -1.82 -8.56 -11.77
O14 PTY C . -0.42 -6.56 -11.27
N1 PTY C . 2.31 -7.72 -8.32
FE FE D . 15.15 10.02 -12.28
C TRS E . -3.44 -27.79 3.87
C1 TRS E . -4.62 -28.11 4.80
C2 TRS E . -2.72 -29.02 3.32
C3 TRS E . -2.42 -26.90 4.60
N TRS E . -4.00 -26.99 2.71
O1 TRS E . -5.26 -26.90 5.27
O2 TRS E . -3.63 -30.00 2.88
O3 TRS E . -1.77 -27.60 5.64
C1 PTY F . -0.77 7.83 9.45
C2 PTY F . 3.86 5.08 10.07
C3 PTY F . 2.69 5.83 10.62
O4 PTY F . -1.71 6.92 8.84
C5 PTY F . -0.89 6.93 11.81
C6 PTY F . -1.15 8.08 10.89
O7 PTY F . -2.59 8.23 11.12
C8 PTY F . -3.08 9.45 10.92
O10 PTY F . -2.43 10.38 10.50
C11 PTY F . -4.52 9.49 11.21
C12 PTY F . -5.28 10.08 10.10
C13 PTY F . -5.36 9.13 8.97
C14 PTY F . -4.51 9.52 7.88
C15 PTY F . -5.18 10.43 7.00
C16 PTY F . -6.15 9.72 6.12
C17 PTY F . -5.87 9.91 4.67
C18 PTY F . -4.50 9.56 4.26
C19 PTY F . -4.01 10.41 3.16
C20 PTY F . -3.64 9.70 1.91
C21 PTY F . -4.69 8.84 1.37
C22 PTY F . -4.49 8.49 -0.06
C23 PTY F . -5.72 7.94 -0.71
C24 PTY F . -5.52 6.58 -1.31
C25 PTY F . -4.74 5.63 -0.43
C26 PTY F . -3.60 4.92 -1.11
C27 PTY F . -3.85 3.47 -1.39
C28 PTY F . -5.23 3.17 -1.92
C29 PTY F . -5.48 1.69 -2.00
C30 PTY F . -1.76 6.88 7.49
C31 PTY F . -2.90 6.03 6.98
O30 PTY F . -1.01 7.49 6.79
C32 PTY F . -3.02 5.90 5.49
C33 PTY F . -4.08 4.90 5.09
C34 PTY F . -4.40 4.85 3.63
C35 PTY F . -4.83 3.51 3.21
C36 PTY F . -5.82 3.44 2.13
C37 PTY F . -6.03 2.04 1.62
C38 PTY F . -6.96 1.22 2.45
C39 PTY F . -6.64 -0.26 2.49
C40 PTY F . -7.57 -1.10 1.66
C41 PTY F . -6.87 -2.25 0.97
C42 PTY F . -7.20 -2.39 -0.47
C43 PTY F . -8.61 -2.67 -0.79
C44 PTY F . -9.31 -1.67 -1.70
P1 PTY F . 1.60 7.28 12.52
O11 PTY F . 2.91 6.66 11.80
O12 PTY F . 1.56 6.76 13.94
O13 PTY F . 1.39 8.76 12.26
O14 PTY F . 0.48 6.53 11.65
N1 PTY F . 3.71 3.58 10.30
FE FE G . -10.13 -13.50 14.23
#